data_2WWU
#
_entry.id   2WWU
#
_cell.length_a   150.980
_cell.length_b   150.980
_cell.length_c   150.980
_cell.angle_alpha   90.00
_cell.angle_beta   90.00
_cell.angle_gamma   90.00
#
_symmetry.space_group_name_H-M   'I 21 3'
#
loop_
_entity.id
_entity.type
_entity.pdbx_description
1 polymer 'PHD FINGER PROTEIN 8'
2 non-polymer 'SULFATE ION'
3 non-polymer 'ACETATE ION'
4 non-polymer 'NICKEL (II) ION'
5 non-polymer beta-D-glucopyranose
6 water water
#
_entity_poly.entity_id   1
_entity_poly.type   'polypeptide(L)'
_entity_poly.pdbx_seq_one_letter_code
;SMPVKTGSPTFVRELRSRTFDSSDEVILKPTGNQLTVEFLEENSFSVPILVLKKDGLGMTLPSPSFTVRDVEHYVGSDKE
IDVIDVTRQADCKMKLGDFVKYYYSGKREKVLNVISLEFSDTRLSNLVETPKIVRKLSWVENLWPEECVFERPNVQKYCL
MSVRDSYTDFHIDFGGTSVWYHVLKGEKIFYLIRPTNANLTLFECWSSSSNQNEMFFGDQVDKCYKCSVKQGQTLFIPTG
WIHAVLTPVDCLAFGGNFLHSLNIEMQLKAYEIEKRLSTADLFRFPNFETICWYVGKHILDIFRGLRENRRHPASYLVHG
GKALNLAFRAWTRKEALPDHEDEIPETVRTVQLIKDLAREIRLVEDIFQQN
;
_entity_poly.pdbx_strand_id   A
#
loop_
_chem_comp.id
_chem_comp.type
_chem_comp.name
_chem_comp.formula
ACT non-polymer 'ACETATE ION' 'C2 H3 O2 -1'
BGC D-saccharide, beta linking beta-D-glucopyranose 'C6 H12 O6'
NI non-polymer 'NICKEL (II) ION' 'Ni 2'
SO4 non-polymer 'SULFATE ION' 'O4 S -2'
#
# COMPACT_ATOMS: atom_id res chain seq x y z
N VAL A 4 -15.39 17.49 -18.64
CA VAL A 4 -14.80 16.17 -18.90
C VAL A 4 -14.81 15.26 -17.67
N LYS A 5 -15.41 14.09 -17.79
CA LYS A 5 -15.54 13.18 -16.66
C LYS A 5 -14.34 12.23 -16.53
N THR A 6 -13.83 12.12 -15.31
CA THR A 6 -12.68 11.25 -15.02
C THR A 6 -12.98 9.79 -15.38
N GLY A 7 -12.15 9.22 -16.25
CA GLY A 7 -12.26 7.81 -16.57
C GLY A 7 -12.75 7.56 -17.99
N SER A 8 -13.53 8.50 -18.51
CA SER A 8 -14.05 8.43 -19.87
C SER A 8 -12.90 8.32 -20.87
N PRO A 9 -13.22 7.92 -22.11
CA PRO A 9 -12.21 7.75 -23.17
C PRO A 9 -11.53 9.07 -23.55
N THR A 10 -12.22 10.19 -23.35
CA THR A 10 -11.63 11.46 -23.75
C THR A 10 -10.66 11.90 -22.66
N PHE A 11 -11.07 11.69 -21.41
CA PHE A 11 -10.19 11.88 -20.27
C PHE A 11 -8.88 11.10 -20.43
N VAL A 12 -8.96 9.84 -20.81
CA VAL A 12 -7.76 9.02 -21.01
C VAL A 12 -6.90 9.50 -22.17
N ARG A 13 -7.55 9.83 -23.29
CA ARG A 13 -6.84 10.33 -24.46
C ARG A 13 -6.05 11.57 -24.10
N GLU A 14 -6.63 12.42 -23.25
CA GLU A 14 -5.97 13.63 -22.79
C GLU A 14 -4.85 13.33 -21.79
N LEU A 15 -5.13 12.45 -20.83
CA LEU A 15 -4.13 12.07 -19.83
C LEU A 15 -2.88 11.59 -20.54
N ARG A 16 -3.07 10.82 -21.61
CA ARG A 16 -2.00 10.12 -22.30
C ARG A 16 -0.98 11.08 -22.89
N SER A 17 -1.45 12.22 -23.38
CA SER A 17 -0.54 13.18 -24.01
C SER A 17 0.19 14.06 -22.99
N ARG A 18 -0.23 14.01 -21.73
CA ARG A 18 0.40 14.82 -20.70
C ARG A 18 1.76 14.25 -20.27
N THR A 19 2.66 15.15 -19.87
CA THR A 19 4.02 14.80 -19.50
C THR A 19 4.28 14.78 -17.98
N PHE A 20 3.84 15.81 -17.27
CA PHE A 20 4.04 15.91 -15.81
C PHE A 20 5.52 16.10 -15.45
N ASP A 21 5.83 15.97 -14.16
CA ASP A 21 7.22 15.99 -13.71
C ASP A 21 7.84 14.59 -13.84
N SER A 22 9.11 14.54 -14.21
CA SER A 22 9.78 13.25 -14.39
C SER A 22 10.01 12.54 -13.05
N SER A 23 9.66 11.25 -13.02
CA SER A 23 9.87 10.44 -11.82
C SER A 23 11.34 10.38 -11.43
N ASP A 24 12.21 10.63 -12.41
CA ASP A 24 13.64 10.55 -12.19
C ASP A 24 14.14 11.59 -11.16
N GLU A 25 13.31 12.59 -10.88
CA GLU A 25 13.68 13.61 -9.90
C GLU A 25 13.56 13.11 -8.45
N VAL A 26 12.83 12.02 -8.22
CA VAL A 26 12.53 11.58 -6.84
C VAL A 26 12.74 10.11 -6.55
N ILE A 27 12.61 9.25 -7.55
CA ILE A 27 12.70 7.83 -7.27
C ILE A 27 14.14 7.41 -7.02
N LEU A 28 14.30 6.37 -6.23
CA LEU A 28 15.56 5.70 -6.10
C LEU A 28 15.49 4.47 -7.00
N LYS A 29 16.63 4.07 -7.54
CA LYS A 29 16.66 2.93 -8.46
C LYS A 29 17.80 1.98 -8.11
N PRO A 30 17.79 1.43 -6.89
CA PRO A 30 18.79 0.42 -6.55
C PRO A 30 18.55 -0.89 -7.31
N THR A 31 19.55 -1.76 -7.35
CA THR A 31 19.37 -3.13 -7.83
C THR A 31 18.72 -3.97 -6.73
N GLY A 32 18.23 -5.15 -7.09
CA GLY A 32 17.71 -6.07 -6.08
C GLY A 32 18.66 -6.30 -4.91
N ASN A 33 19.94 -6.52 -5.21
CA ASN A 33 20.91 -6.80 -4.17
C ASN A 33 21.10 -5.63 -3.23
N GLN A 34 20.88 -4.42 -3.74
CA GLN A 34 21.06 -3.20 -2.94
C GLN A 34 19.86 -2.88 -2.05
N LEU A 35 18.67 -3.35 -2.42
CA LEU A 35 17.47 -3.02 -1.66
C LEU A 35 17.36 -3.89 -0.41
N THR A 36 18.00 -3.45 0.66
CA THR A 36 18.04 -4.22 1.89
C THR A 36 17.38 -3.45 3.01
N VAL A 37 17.26 -4.09 4.17
CA VAL A 37 16.67 -3.42 5.32
C VAL A 37 17.56 -2.24 5.72
N GLU A 38 18.87 -2.48 5.71
CA GLU A 38 19.82 -1.43 6.07
C GLU A 38 19.69 -0.26 5.11
N PHE A 39 19.61 -0.57 3.82
CA PHE A 39 19.40 0.44 2.79
C PHE A 39 18.21 1.34 3.12
N LEU A 40 17.08 0.72 3.45
CA LEU A 40 15.87 1.48 3.77
C LEU A 40 15.97 2.20 5.12
N GLU A 41 16.72 1.64 6.06
CA GLU A 41 16.91 2.34 7.33
C GLU A 41 17.78 3.58 7.14
N GLU A 42 18.85 3.44 6.36
CA GLU A 42 19.75 4.56 6.08
C GLU A 42 19.09 5.60 5.18
N ASN A 43 18.54 5.16 4.05
CA ASN A 43 17.95 6.06 3.07
C ASN A 43 16.59 6.58 3.52
N SER A 44 16.01 5.91 4.51
CA SER A 44 14.58 6.04 4.79
CA SER A 44 14.59 6.04 4.80
C SER A 44 13.81 5.48 3.60
N PHE A 45 12.50 5.31 3.76
CA PHE A 45 11.64 4.83 2.68
C PHE A 45 10.60 5.92 2.45
N SER A 46 11.05 7.06 1.93
CA SER A 46 10.15 8.20 1.82
C SER A 46 9.90 8.66 0.39
N VAL A 47 10.55 7.99 -0.57
CA VAL A 47 10.27 8.25 -1.99
C VAL A 47 10.09 6.90 -2.67
N PRO A 48 9.37 6.89 -3.80
CA PRO A 48 9.15 5.59 -4.46
C PRO A 48 10.47 5.00 -4.93
N ILE A 49 10.48 3.68 -5.03
CA ILE A 49 11.67 2.94 -5.38
C ILE A 49 11.32 2.04 -6.55
N LEU A 50 12.06 2.20 -7.64
CA LEU A 50 11.83 1.42 -8.85
C LEU A 50 13.05 0.54 -9.09
N VAL A 51 12.83 -0.77 -9.08
CA VAL A 51 13.89 -1.71 -9.35
C VAL A 51 13.70 -2.29 -10.75
N LEU A 52 14.65 -2.00 -11.64
CA LEU A 52 14.55 -2.37 -13.05
C LEU A 52 14.48 -3.88 -13.33
N LYS A 53 15.38 -4.66 -12.73
CA LYS A 53 15.37 -6.11 -12.91
C LYS A 53 15.11 -6.82 -11.58
N LYS A 54 14.41 -7.95 -11.63
CA LYS A 54 13.93 -8.60 -10.42
C LYS A 54 15.05 -9.31 -9.67
N ASP A 55 16.16 -9.54 -10.35
N ASP A 55 16.17 -9.53 -10.36
CA ASP A 55 17.29 -10.24 -9.75
CA ASP A 55 17.34 -10.20 -9.78
C ASP A 55 17.69 -9.61 -8.42
C ASP A 55 17.70 -9.61 -8.42
N GLY A 56 17.87 -10.46 -7.41
CA GLY A 56 18.25 -10.00 -6.08
C GLY A 56 17.07 -9.64 -5.16
N LEU A 57 15.88 -9.47 -5.74
CA LEU A 57 14.67 -9.14 -4.96
C LEU A 57 14.09 -10.31 -4.15
N GLY A 58 14.53 -11.54 -4.46
CA GLY A 58 14.06 -12.71 -3.75
C GLY A 58 12.63 -13.13 -4.08
N MET A 59 12.08 -12.62 -5.19
CA MET A 59 10.73 -13.00 -5.59
C MET A 59 10.73 -14.35 -6.28
N THR A 60 9.55 -14.96 -6.35
CA THR A 60 9.30 -16.08 -7.25
C THR A 60 8.04 -15.74 -8.06
N LEU A 61 8.10 -15.92 -9.37
CA LEU A 61 7.02 -15.50 -10.26
C LEU A 61 6.90 -16.50 -11.40
N PRO A 62 5.69 -16.64 -11.97
CA PRO A 62 5.62 -17.42 -13.21
C PRO A 62 6.37 -16.66 -14.30
N SER A 63 6.60 -17.30 -15.44
CA SER A 63 7.31 -16.64 -16.52
C SER A 63 6.43 -15.53 -17.09
N PRO A 64 7.02 -14.61 -17.88
CA PRO A 64 6.25 -13.54 -18.51
C PRO A 64 5.22 -14.07 -19.51
N SER A 65 5.22 -15.37 -19.75
CA SER A 65 4.26 -15.99 -20.66
C SER A 65 2.93 -16.32 -19.97
N PHE A 66 2.90 -16.15 -18.64
CA PHE A 66 1.68 -16.36 -17.86
C PHE A 66 0.51 -15.51 -18.39
N THR A 67 -0.70 -16.05 -18.32
CA THR A 67 -1.84 -15.32 -18.87
C THR A 67 -3.01 -15.26 -17.92
N VAL A 68 -3.98 -14.47 -18.31
CA VAL A 68 -5.27 -14.38 -17.66
C VAL A 68 -5.96 -15.76 -17.61
N ARG A 69 -5.85 -16.55 -18.68
CA ARG A 69 -6.36 -17.93 -18.64
C ARG A 69 -5.70 -18.74 -17.53
N ASP A 70 -4.37 -18.63 -17.43
CA ASP A 70 -3.62 -19.27 -16.34
C ASP A 70 -4.11 -18.87 -14.96
N VAL A 71 -4.34 -17.57 -14.79
CA VAL A 71 -4.83 -17.06 -13.52
C VAL A 71 -6.13 -17.80 -13.19
N GLU A 72 -7.03 -17.84 -14.16
CA GLU A 72 -8.29 -18.54 -13.98
C GLU A 72 -8.06 -20.00 -13.55
N HIS A 73 -7.10 -20.67 -14.17
CA HIS A 73 -6.84 -22.07 -13.85
C HIS A 73 -6.36 -22.25 -12.40
N TYR A 74 -5.50 -21.35 -11.94
CA TYR A 74 -4.94 -21.46 -10.58
C TYR A 74 -5.83 -20.90 -9.49
N VAL A 75 -6.75 -20.02 -9.87
CA VAL A 75 -7.60 -19.35 -8.89
C VAL A 75 -9.01 -19.93 -8.84
N GLY A 76 -9.51 -20.35 -10.00
CA GLY A 76 -10.86 -20.90 -10.08
C GLY A 76 -11.84 -20.00 -10.80
N SER A 77 -12.54 -20.59 -11.78
CA SER A 77 -13.61 -19.94 -12.54
C SER A 77 -14.70 -19.34 -11.67
N ASP A 78 -14.94 -19.96 -10.52
CA ASP A 78 -16.07 -19.58 -9.68
C ASP A 78 -15.73 -18.55 -8.61
N LYS A 79 -14.48 -18.14 -8.52
CA LYS A 79 -14.10 -17.11 -7.54
C LYS A 79 -14.84 -15.82 -7.83
N GLU A 80 -15.53 -15.27 -6.84
CA GLU A 80 -16.10 -13.93 -6.97
C GLU A 80 -14.95 -12.94 -6.82
N ILE A 81 -14.88 -11.97 -7.73
CA ILE A 81 -13.84 -10.95 -7.71
C ILE A 81 -14.42 -9.55 -7.84
N ASP A 82 -13.84 -8.61 -7.09
CA ASP A 82 -14.24 -7.22 -7.19
C ASP A 82 -13.71 -6.66 -8.48
N VAL A 83 -14.62 -6.07 -9.25
CA VAL A 83 -14.27 -5.47 -10.52
C VAL A 83 -14.65 -4.01 -10.46
N ILE A 84 -13.82 -3.16 -11.08
CA ILE A 84 -14.18 -1.77 -11.21
C ILE A 84 -14.46 -1.49 -12.68
N ASP A 85 -15.64 -0.94 -12.94
CA ASP A 85 -16.02 -0.49 -14.27
C ASP A 85 -15.35 0.86 -14.52
N VAL A 86 -14.26 0.86 -15.29
CA VAL A 86 -13.37 2.01 -15.42
C VAL A 86 -13.98 3.25 -16.06
N THR A 87 -15.28 3.20 -16.33
CA THR A 87 -15.96 4.47 -16.55
C THR A 87 -16.03 5.13 -15.17
N ARG A 88 -14.87 4.95 -14.31
CA ARG A 88 -14.70 5.48 -12.97
C ARG A 88 -16.09 5.66 -12.36
N GLN A 89 -16.93 4.59 -12.50
CA GLN A 89 -18.29 4.65 -12.00
C GLN A 89 -18.55 3.74 -10.80
N ALA A 90 -18.63 2.43 -11.06
CA ALA A 90 -19.12 1.51 -10.03
C ALA A 90 -18.22 0.32 -9.71
N ASP A 91 -18.45 -0.24 -8.53
CA ASP A 91 -17.89 -1.51 -8.12
C ASP A 91 -18.96 -2.58 -8.25
N CYS A 92 -18.53 -3.80 -8.48
CA CYS A 92 -19.44 -4.93 -8.45
C CYS A 92 -18.63 -6.21 -8.37
N LYS A 93 -19.30 -7.29 -8.02
CA LYS A 93 -18.72 -8.60 -7.97
C LYS A 93 -18.92 -9.28 -9.31
N MET A 94 -18.02 -10.19 -9.63
CA MET A 94 -18.07 -10.91 -10.89
C MET A 94 -17.44 -12.25 -10.64
N LYS A 95 -17.93 -13.28 -11.29
CA LYS A 95 -17.20 -14.53 -11.28
C LYS A 95 -15.97 -14.36 -12.17
N LEU A 96 -14.84 -14.87 -11.71
CA LEU A 96 -13.60 -14.78 -12.48
C LEU A 96 -13.80 -15.23 -13.93
N GLY A 97 -14.51 -16.34 -14.13
CA GLY A 97 -14.71 -16.88 -15.46
C GLY A 97 -15.46 -15.91 -16.36
N ASP A 98 -16.37 -15.15 -15.76
CA ASP A 98 -17.08 -14.14 -16.54
C ASP A 98 -16.14 -13.01 -16.95
N PHE A 99 -15.20 -12.66 -16.07
CA PHE A 99 -14.19 -11.66 -16.42
C PHE A 99 -13.26 -12.17 -17.52
N VAL A 100 -12.80 -13.41 -17.38
CA VAL A 100 -11.98 -14.04 -18.40
C VAL A 100 -12.69 -13.99 -19.76
N LYS A 101 -13.97 -14.33 -19.77
CA LYS A 101 -14.79 -14.21 -20.97
C LYS A 101 -14.71 -12.79 -21.52
N TYR A 102 -14.99 -11.81 -20.68
CA TYR A 102 -14.92 -10.40 -21.10
C TYR A 102 -13.54 -10.05 -21.65
N TYR A 103 -12.51 -10.47 -20.92
CA TYR A 103 -11.14 -10.17 -21.32
C TYR A 103 -10.86 -10.66 -22.73
N TYR A 104 -10.96 -11.97 -22.95
CA TYR A 104 -10.59 -12.52 -24.25
C TYR A 104 -11.58 -12.13 -25.34
N SER A 105 -12.77 -11.70 -24.93
CA SER A 105 -13.76 -11.26 -25.90
C SER A 105 -13.23 -10.07 -26.71
N GLY A 106 -12.39 -9.25 -26.09
CA GLY A 106 -11.85 -8.08 -26.77
C GLY A 106 -12.84 -6.92 -26.87
N LYS A 107 -14.08 -7.15 -26.47
CA LYS A 107 -15.10 -6.11 -26.52
C LYS A 107 -14.89 -5.12 -25.38
N ARG A 108 -14.55 -3.89 -25.73
CA ARG A 108 -14.14 -2.92 -24.73
C ARG A 108 -15.16 -1.80 -24.58
N GLU A 109 -16.43 -2.10 -24.85
CA GLU A 109 -17.50 -1.13 -24.65
C GLU A 109 -17.56 -0.73 -23.17
N LYS A 110 -17.36 -1.72 -22.31
CA LYS A 110 -17.16 -1.44 -20.89
C LYS A 110 -15.69 -1.68 -20.64
N VAL A 111 -15.07 -0.82 -19.86
CA VAL A 111 -13.66 -1.00 -19.50
C VAL A 111 -13.59 -1.55 -18.08
N LEU A 112 -13.28 -2.83 -17.94
CA LEU A 112 -13.30 -3.47 -16.62
C LEU A 112 -11.89 -3.74 -16.11
N ASN A 113 -11.65 -3.34 -14.86
CA ASN A 113 -10.34 -3.41 -14.23
C ASN A 113 -10.37 -4.31 -12.97
N VAL A 114 -9.43 -5.24 -12.89
CA VAL A 114 -9.29 -6.07 -11.70
C VAL A 114 -7.98 -5.74 -10.97
N ILE A 115 -8.09 -5.17 -9.77
CA ILE A 115 -6.88 -4.75 -9.07
C ILE A 115 -6.73 -5.29 -7.66
N SER A 116 -7.71 -6.07 -7.18
CA SER A 116 -7.67 -6.56 -5.80
C SER A 116 -8.00 -8.04 -5.64
N LEU A 117 -7.64 -8.83 -6.64
CA LEU A 117 -7.81 -10.27 -6.55
C LEU A 117 -6.76 -10.85 -5.59
N GLU A 118 -7.13 -11.02 -4.33
CA GLU A 118 -6.18 -11.58 -3.36
C GLU A 118 -6.18 -13.10 -3.48
N PHE A 119 -5.01 -13.68 -3.80
CA PHE A 119 -4.97 -15.10 -4.17
C PHE A 119 -4.23 -15.98 -3.17
N SER A 120 -3.94 -15.44 -1.98
CA SER A 120 -3.22 -16.18 -0.95
C SER A 120 -3.81 -17.56 -0.63
N ASP A 121 -5.12 -17.71 -0.76
CA ASP A 121 -5.77 -18.97 -0.39
C ASP A 121 -6.08 -19.83 -1.60
N THR A 122 -5.33 -19.65 -2.68
CA THR A 122 -5.54 -20.41 -3.92
C THR A 122 -4.24 -21.06 -4.37
N ARG A 123 -4.32 -21.96 -5.35
CA ARG A 123 -3.13 -22.61 -5.91
C ARG A 123 -2.16 -21.60 -6.51
N LEU A 124 -2.69 -20.48 -7.01
CA LEU A 124 -1.82 -19.42 -7.52
C LEU A 124 -0.78 -18.99 -6.48
N SER A 125 -1.12 -19.14 -5.19
CA SER A 125 -0.24 -18.68 -4.12
C SER A 125 1.11 -19.38 -4.17
N ASN A 126 1.09 -20.64 -4.58
CA ASN A 126 2.31 -21.43 -4.68
C ASN A 126 3.27 -20.95 -5.76
N LEU A 127 2.76 -20.21 -6.75
CA LEU A 127 3.59 -19.75 -7.87
C LEU A 127 4.22 -18.38 -7.65
N VAL A 128 3.79 -17.68 -6.61
CA VAL A 128 4.30 -16.34 -6.38
C VAL A 128 4.87 -16.15 -4.98
N GLU A 129 6.14 -15.78 -4.91
CA GLU A 129 6.70 -15.32 -3.65
C GLU A 129 7.06 -13.85 -3.75
N THR A 130 6.69 -13.11 -2.71
CA THR A 130 6.81 -11.65 -2.68
C THR A 130 8.27 -11.24 -2.40
N PRO A 131 8.59 -9.96 -2.65
CA PRO A 131 9.98 -9.54 -2.43
C PRO A 131 10.41 -9.75 -0.99
N LYS A 132 11.64 -10.22 -0.84
CA LYS A 132 12.25 -10.50 0.44
C LYS A 132 12.20 -9.26 1.37
N ILE A 133 12.41 -8.07 0.81
CA ILE A 133 12.42 -6.85 1.63
C ILE A 133 11.07 -6.65 2.32
N VAL A 134 10.00 -6.93 1.59
CA VAL A 134 8.65 -6.81 2.12
C VAL A 134 8.42 -7.80 3.25
N ARG A 135 8.82 -9.06 3.01
CA ARG A 135 8.68 -10.10 4.02
C ARG A 135 9.50 -9.78 5.29
N LYS A 136 10.63 -9.10 5.11
CA LYS A 136 11.46 -8.70 6.25
C LYS A 136 10.84 -7.54 7.03
N LEU A 137 10.25 -6.57 6.32
CA LEU A 137 9.67 -5.38 6.95
C LEU A 137 8.29 -5.61 7.55
N SER A 138 7.49 -6.44 6.89
CA SER A 138 6.05 -6.48 7.15
C SER A 138 5.66 -6.69 8.60
N TRP A 139 4.84 -5.79 9.12
CA TRP A 139 4.31 -5.99 10.47
C TRP A 139 3.48 -7.27 10.59
N VAL A 140 2.56 -7.49 9.66
CA VAL A 140 1.68 -8.64 9.82
C VAL A 140 2.51 -9.92 9.77
N GLU A 141 3.47 -9.94 8.85
CA GLU A 141 4.30 -11.11 8.65
C GLU A 141 5.16 -11.44 9.88
N ASN A 142 5.70 -10.42 10.55
CA ASN A 142 6.68 -10.67 11.62
C ASN A 142 6.20 -10.44 13.04
N LEU A 143 5.21 -9.58 13.20
CA LEU A 143 4.86 -9.10 14.55
C LEU A 143 3.43 -9.39 14.97
N TRP A 144 2.62 -9.93 14.07
CA TRP A 144 1.27 -10.35 14.42
C TRP A 144 1.32 -11.71 15.12
N PRO A 145 0.95 -11.74 16.41
CA PRO A 145 1.12 -12.95 17.23
C PRO A 145 0.21 -14.10 16.79
N GLU A 146 0.75 -15.32 16.81
CA GLU A 146 -0.04 -16.51 16.51
C GLU A 146 -1.26 -16.61 17.45
N GLU A 147 -1.08 -16.29 18.73
CA GLU A 147 -2.12 -16.48 19.74
C GLU A 147 -3.29 -15.50 19.61
N CYS A 148 -3.02 -14.35 19.00
CA CYS A 148 -4.01 -13.32 18.79
C CYS A 148 -5.31 -13.87 18.18
N VAL A 149 -6.45 -13.44 18.71
CA VAL A 149 -7.75 -13.91 18.22
C VAL A 149 -8.51 -12.87 17.37
N PHE A 150 -7.83 -11.79 16.97
CA PHE A 150 -8.38 -10.81 16.05
C PHE A 150 -8.28 -11.32 14.61
N GLU A 151 -9.17 -10.86 13.74
CA GLU A 151 -9.03 -11.18 12.32
C GLU A 151 -7.73 -10.59 11.74
N ARG A 152 -6.93 -11.46 11.14
CA ARG A 152 -5.63 -11.10 10.57
C ARG A 152 -5.79 -10.51 9.16
N PRO A 153 -5.27 -9.31 8.92
CA PRO A 153 -5.29 -8.76 7.56
C PRO A 153 -4.65 -9.73 6.56
N ASN A 154 -5.28 -9.86 5.39
CA ASN A 154 -4.80 -10.79 4.37
C ASN A 154 -4.62 -10.06 3.05
N VAL A 155 -3.51 -9.34 2.92
CA VAL A 155 -3.35 -8.42 1.80
C VAL A 155 -1.96 -8.51 1.19
N GLN A 156 -1.36 -9.69 1.26
CA GLN A 156 0.03 -9.88 0.87
C GLN A 156 0.21 -10.19 -0.61
N LYS A 157 -0.82 -10.74 -1.24
CA LYS A 157 -0.68 -11.18 -2.63
C LYS A 157 -1.91 -10.82 -3.46
N TYR A 158 -1.74 -9.83 -4.31
CA TYR A 158 -2.78 -9.45 -5.24
C TYR A 158 -2.36 -9.74 -6.66
N CYS A 159 -3.33 -10.14 -7.46
CA CYS A 159 -3.14 -10.25 -8.89
C CYS A 159 -3.92 -9.12 -9.58
N LEU A 160 -3.28 -8.42 -10.51
CA LEU A 160 -3.95 -7.31 -11.20
C LEU A 160 -4.03 -7.61 -12.68
N MET A 161 -5.21 -7.42 -13.23
CA MET A 161 -5.43 -7.69 -14.65
C MET A 161 -6.16 -6.51 -15.22
N SER A 162 -5.47 -5.75 -16.05
CA SER A 162 -5.97 -4.44 -16.44
C SER A 162 -5.89 -4.26 -17.93
N VAL A 163 -7.05 -4.11 -18.57
CA VAL A 163 -7.07 -3.85 -19.99
C VAL A 163 -6.58 -2.45 -20.31
N ARG A 164 -6.16 -2.27 -21.57
CA ARG A 164 -5.76 -0.96 -22.06
C ARG A 164 -6.80 0.09 -21.69
N ASP A 165 -6.33 1.25 -21.27
CA ASP A 165 -7.21 2.36 -20.90
C ASP A 165 -7.90 2.22 -19.55
N SER A 166 -7.53 1.23 -18.74
CA SER A 166 -7.95 1.24 -17.34
C SER A 166 -7.38 2.48 -16.64
N TYR A 167 -8.17 3.05 -15.72
CA TYR A 167 -7.71 4.17 -14.91
C TYR A 167 -8.19 4.02 -13.49
N THR A 168 -7.27 4.18 -12.54
CA THR A 168 -7.64 4.28 -11.14
C THR A 168 -7.29 5.69 -10.68
N ASP A 169 -8.27 6.39 -10.12
CA ASP A 169 -8.09 7.79 -9.72
C ASP A 169 -7.20 7.93 -8.48
N PHE A 170 -6.72 9.15 -8.25
CA PHE A 170 -5.81 9.42 -7.14
C PHE A 170 -6.36 8.91 -5.82
N HIS A 171 -5.54 8.19 -5.08
CA HIS A 171 -5.95 7.71 -3.77
C HIS A 171 -4.73 7.45 -2.89
N ILE A 172 -5.00 7.28 -1.61
CA ILE A 172 -3.98 6.84 -0.68
C ILE A 172 -4.26 5.39 -0.41
N ASP A 173 -3.21 4.57 -0.38
CA ASP A 173 -3.44 3.14 -0.15
C ASP A 173 -4.06 2.87 1.21
N PHE A 174 -4.97 1.90 1.21
CA PHE A 174 -5.80 1.60 2.36
C PHE A 174 -4.97 1.31 3.59
N GLY A 175 -5.49 1.71 4.73
CA GLY A 175 -4.88 1.41 6.02
C GLY A 175 -3.51 2.02 6.17
N GLY A 176 -3.19 3.04 5.38
CA GLY A 176 -1.85 3.64 5.45
C GLY A 176 -0.72 2.67 5.08
N THR A 177 -1.03 1.64 4.29
CA THR A 177 -0.03 0.67 3.89
C THR A 177 0.91 1.22 2.83
N SER A 178 2.07 0.58 2.72
CA SER A 178 2.97 0.74 1.59
C SER A 178 2.66 -0.40 0.65
N VAL A 179 3.11 -0.30 -0.59
CA VAL A 179 2.73 -1.30 -1.58
C VAL A 179 3.89 -1.57 -2.53
N TRP A 180 3.98 -2.79 -3.03
CA TRP A 180 4.92 -3.12 -4.09
C TRP A 180 4.10 -3.64 -5.24
N TYR A 181 4.53 -3.35 -6.47
CA TYR A 181 3.86 -3.83 -7.67
C TYR A 181 4.92 -4.34 -8.63
N HIS A 182 4.70 -5.55 -9.13
CA HIS A 182 5.55 -6.09 -10.17
C HIS A 182 4.74 -6.32 -11.44
N VAL A 183 5.11 -5.62 -12.51
CA VAL A 183 4.50 -5.82 -13.81
C VAL A 183 5.11 -7.04 -14.52
N LEU A 184 4.31 -8.08 -14.69
CA LEU A 184 4.76 -9.29 -15.36
C LEU A 184 4.75 -9.07 -16.87
N LYS A 185 3.68 -8.48 -17.37
CA LYS A 185 3.60 -8.10 -18.78
C LYS A 185 2.76 -6.83 -18.96
N GLY A 186 3.07 -6.10 -20.04
CA GLY A 186 2.42 -4.84 -20.31
C GLY A 186 3.14 -3.70 -19.60
N GLU A 187 2.39 -2.70 -19.18
CA GLU A 187 2.98 -1.56 -18.52
C GLU A 187 1.92 -0.88 -17.66
N LYS A 188 2.36 -0.23 -16.60
CA LYS A 188 1.47 0.67 -15.84
C LYS A 188 2.11 2.04 -15.65
N ILE A 189 1.30 3.09 -15.71
CA ILE A 189 1.81 4.43 -15.46
C ILE A 189 1.25 5.01 -14.16
N PHE A 190 2.15 5.29 -13.23
CA PHE A 190 1.79 5.82 -11.94
C PHE A 190 1.99 7.32 -11.91
N TYR A 191 1.00 8.03 -11.37
CA TYR A 191 1.12 9.45 -11.15
C TYR A 191 1.20 9.67 -9.65
N LEU A 192 2.39 10.05 -9.20
CA LEU A 192 2.76 10.01 -7.80
C LEU A 192 2.87 11.39 -7.19
N ILE A 193 2.25 11.56 -6.03
CA ILE A 193 2.25 12.85 -5.34
C ILE A 193 2.66 12.65 -3.89
N ARG A 194 3.62 13.45 -3.45
CA ARG A 194 4.18 13.32 -2.10
C ARG A 194 3.15 13.75 -1.05
N PRO A 195 3.03 13.01 0.07
CA PRO A 195 1.99 13.30 1.07
C PRO A 195 2.45 14.36 2.07
N THR A 196 2.84 15.53 1.57
CA THR A 196 3.17 16.63 2.47
C THR A 196 1.88 17.04 3.14
N ASN A 197 1.98 17.66 4.31
CA ASN A 197 0.80 18.18 4.99
C ASN A 197 -0.04 19.03 4.04
N ALA A 198 0.62 19.91 3.29
CA ALA A 198 -0.07 20.75 2.33
C ALA A 198 -0.83 19.93 1.27
N ASN A 199 -0.19 18.91 0.71
CA ASN A 199 -0.85 18.06 -0.29
C ASN A 199 -2.00 17.22 0.26
N LEU A 200 -1.84 16.77 1.49
CA LEU A 200 -2.91 16.03 2.15
C LEU A 200 -4.15 16.92 2.31
N THR A 201 -3.94 18.19 2.65
CA THR A 201 -5.06 19.12 2.83
C THR A 201 -5.83 19.31 1.52
N LEU A 202 -5.09 19.50 0.43
CA LEU A 202 -5.70 19.60 -0.88
C LEU A 202 -6.44 18.31 -1.25
N PHE A 203 -5.84 17.17 -0.89
CA PHE A 203 -6.41 15.87 -1.22
C PHE A 203 -7.75 15.67 -0.51
N GLU A 204 -7.79 16.00 0.77
CA GLU A 204 -9.02 15.86 1.55
C GLU A 204 -10.10 16.77 0.99
N CYS A 205 -9.70 17.98 0.61
CA CYS A 205 -10.63 18.93 0.01
C CYS A 205 -11.18 18.38 -1.30
N TRP A 206 -10.29 17.85 -2.15
CA TRP A 206 -10.69 17.28 -3.43
C TRP A 206 -11.56 16.03 -3.27
N SER A 207 -11.27 15.21 -2.26
CA SER A 207 -12.01 13.98 -2.05
C SER A 207 -13.45 14.27 -1.67
N SER A 208 -13.67 15.44 -1.09
CA SER A 208 -14.98 15.83 -0.58
C SER A 208 -15.70 16.76 -1.54
N SER A 209 -14.98 17.37 -2.47
CA SER A 209 -15.58 18.32 -3.41
C SER A 209 -16.67 17.65 -4.25
N SER A 210 -17.68 18.43 -4.63
CA SER A 210 -18.85 17.91 -5.32
C SER A 210 -18.57 17.56 -6.79
N ASN A 211 -17.55 18.19 -7.36
CA ASN A 211 -17.15 17.92 -8.74
C ASN A 211 -15.81 17.20 -8.80
N GLN A 212 -15.59 16.31 -7.84
CA GLN A 212 -14.37 15.51 -7.77
C GLN A 212 -14.08 14.81 -9.12
N ASN A 213 -15.12 14.27 -9.75
CA ASN A 213 -14.96 13.52 -10.99
C ASN A 213 -14.61 14.37 -12.21
N GLU A 214 -14.53 15.68 -12.04
CA GLU A 214 -14.20 16.56 -13.15
C GLU A 214 -12.89 17.29 -12.93
N MET A 215 -12.27 17.04 -11.78
CA MET A 215 -11.04 17.73 -11.43
C MET A 215 -9.86 16.76 -11.35
N PHE A 216 -8.86 17.02 -12.18
CA PHE A 216 -7.66 16.20 -12.15
C PHE A 216 -6.80 16.62 -10.97
N PHE A 217 -6.72 15.78 -9.96
CA PHE A 217 -6.04 16.19 -8.74
C PHE A 217 -4.59 16.60 -8.96
N GLY A 218 -3.91 15.95 -9.89
CA GLY A 218 -2.51 16.20 -10.12
C GLY A 218 -2.21 17.64 -10.48
N ASP A 219 -3.24 18.34 -10.95
CA ASP A 219 -3.08 19.73 -11.35
C ASP A 219 -3.03 20.68 -10.16
N GLN A 220 -3.57 20.26 -9.02
CA GLN A 220 -3.66 21.12 -7.86
C GLN A 220 -2.39 21.17 -6.99
N VAL A 221 -1.39 20.37 -7.33
CA VAL A 221 -0.21 20.24 -6.49
C VAL A 221 1.06 20.75 -7.19
N ASP A 222 2.09 21.04 -6.40
CA ASP A 222 3.36 21.52 -6.94
C ASP A 222 4.01 20.50 -7.89
N LYS A 223 4.03 19.24 -7.47
CA LYS A 223 4.73 18.21 -8.23
C LYS A 223 3.91 16.94 -8.31
N CYS A 224 3.66 16.51 -9.54
CA CYS A 224 2.99 15.25 -9.82
C CYS A 224 3.90 14.46 -10.76
N TYR A 225 4.44 13.36 -10.26
CA TYR A 225 5.52 12.68 -10.96
C TYR A 225 4.97 11.50 -11.74
N LYS A 226 5.38 11.39 -12.99
CA LYS A 226 4.93 10.31 -13.85
C LYS A 226 5.97 9.20 -13.79
N CYS A 227 5.55 7.99 -13.43
CA CYS A 227 6.46 6.86 -13.38
C CYS A 227 5.93 5.66 -14.15
N SER A 228 6.58 5.36 -15.27
CA SER A 228 6.23 4.21 -16.11
C SER A 228 6.83 2.95 -15.53
N VAL A 229 5.99 1.99 -15.21
CA VAL A 229 6.52 0.73 -14.72
C VAL A 229 6.31 -0.31 -15.82
N LYS A 230 7.40 -0.76 -16.40
CA LYS A 230 7.34 -1.63 -17.56
C LYS A 230 7.58 -3.09 -17.17
N GLN A 231 7.40 -3.99 -18.14
CA GLN A 231 7.53 -5.43 -17.91
C GLN A 231 8.79 -5.80 -17.16
N GLY A 232 8.64 -6.63 -16.13
CA GLY A 232 9.79 -7.11 -15.37
C GLY A 232 10.26 -6.15 -14.30
N GLN A 233 9.74 -4.92 -14.30
CA GLN A 233 10.11 -3.92 -13.30
C GLN A 233 9.22 -3.97 -12.05
N THR A 234 9.80 -3.56 -10.92
CA THR A 234 9.11 -3.61 -9.63
C THR A 234 9.11 -2.22 -8.97
N LEU A 235 7.93 -1.73 -8.60
CA LEU A 235 7.80 -0.42 -7.94
C LEU A 235 7.38 -0.58 -6.46
N PHE A 236 8.02 0.18 -5.58
CA PHE A 236 7.65 0.21 -4.17
C PHE A 236 7.19 1.61 -3.85
N ILE A 237 5.95 1.73 -3.40
CA ILE A 237 5.39 3.03 -3.05
C ILE A 237 5.33 3.16 -1.53
N PRO A 238 5.96 4.24 -0.99
CA PRO A 238 5.96 4.47 0.45
C PRO A 238 4.57 4.87 0.98
N THR A 239 4.43 4.74 2.30
CA THR A 239 3.26 5.18 3.06
C THR A 239 2.72 6.53 2.62
N GLY A 240 1.42 6.61 2.39
CA GLY A 240 0.75 7.88 2.23
C GLY A 240 0.81 8.49 0.85
N TRP A 241 1.72 8.02 0.00
CA TRP A 241 1.83 8.61 -1.33
C TRP A 241 0.51 8.54 -2.11
N ILE A 242 0.06 9.70 -2.56
CA ILE A 242 -1.19 9.86 -3.30
C ILE A 242 -0.91 9.51 -4.76
N HIS A 243 -1.65 8.56 -5.33
CA HIS A 243 -1.35 8.17 -6.70
C HIS A 243 -2.55 7.69 -7.51
N ALA A 244 -2.43 7.89 -8.81
CA ALA A 244 -3.38 7.41 -9.80
C ALA A 244 -2.63 6.48 -10.75
N VAL A 245 -3.36 5.56 -11.38
CA VAL A 245 -2.72 4.61 -12.29
C VAL A 245 -3.46 4.55 -13.62
N LEU A 246 -2.74 4.84 -14.70
CA LEU A 246 -3.26 4.62 -16.04
C LEU A 246 -2.61 3.34 -16.59
N THR A 247 -3.42 2.45 -17.14
CA THR A 247 -2.90 1.26 -17.81
C THR A 247 -2.98 1.47 -19.33
N PRO A 248 -1.83 1.78 -19.96
CA PRO A 248 -1.77 2.18 -21.37
C PRO A 248 -1.91 1.00 -22.33
N VAL A 249 -1.52 -0.18 -21.87
CA VAL A 249 -1.63 -1.40 -22.67
C VAL A 249 -2.07 -2.53 -21.74
N ASP A 250 -2.68 -3.57 -22.29
CA ASP A 250 -3.09 -4.71 -21.49
C ASP A 250 -2.00 -5.10 -20.50
N CYS A 251 -2.36 -5.21 -19.22
CA CYS A 251 -1.36 -5.46 -18.20
C CYS A 251 -1.75 -6.57 -17.24
N LEU A 252 -0.76 -7.41 -16.92
CA LEU A 252 -0.91 -8.38 -15.85
C LEU A 252 0.19 -8.10 -14.84
N ALA A 253 -0.17 -7.97 -13.56
CA ALA A 253 0.80 -7.57 -12.56
C ALA A 253 0.48 -8.24 -11.24
N PHE A 254 1.46 -8.25 -10.35
CA PHE A 254 1.28 -8.75 -8.99
C PHE A 254 1.72 -7.67 -8.00
N GLY A 255 1.18 -7.73 -6.79
CA GLY A 255 1.50 -6.74 -5.78
C GLY A 255 1.02 -7.15 -4.39
N GLY A 256 1.29 -6.30 -3.40
CA GLY A 256 0.86 -6.57 -2.04
C GLY A 256 1.05 -5.34 -1.16
N ASN A 257 0.40 -5.32 0.00
CA ASN A 257 0.39 -4.17 0.89
C ASN A 257 0.95 -4.56 2.23
N PHE A 258 1.74 -3.66 2.83
CA PHE A 258 2.36 -3.95 4.11
C PHE A 258 2.51 -2.70 4.97
N LEU A 259 2.56 -2.91 6.28
CA LEU A 259 2.95 -1.88 7.23
C LEU A 259 4.37 -2.20 7.71
N HIS A 260 5.07 -1.18 8.19
CA HIS A 260 6.45 -1.37 8.65
C HIS A 260 6.84 -0.28 9.67
N SER A 261 8.07 -0.31 10.18
CA SER A 261 8.44 0.57 11.28
C SER A 261 9.30 1.77 10.89
N LEU A 262 9.49 2.01 9.60
CA LEU A 262 10.44 3.04 9.16
C LEU A 262 9.91 4.46 9.28
N ASN A 263 8.59 4.64 9.21
CA ASN A 263 8.03 5.99 9.30
C ASN A 263 6.65 5.97 9.94
N ILE A 264 6.64 5.60 11.22
CA ILE A 264 5.38 5.29 11.87
C ILE A 264 4.44 6.50 11.92
N GLU A 265 5.01 7.69 12.11
CA GLU A 265 4.17 8.87 12.13
C GLU A 265 3.38 9.01 10.83
N MET A 266 4.06 8.86 9.71
CA MET A 266 3.40 8.99 8.41
C MET A 266 2.36 7.89 8.24
N GLN A 267 2.69 6.69 8.70
CA GLN A 267 1.74 5.58 8.65
C GLN A 267 0.42 5.86 9.41
N LEU A 268 0.54 6.31 10.66
CA LEU A 268 -0.63 6.65 11.47
C LEU A 268 -1.45 7.74 10.79
N LYS A 269 -0.75 8.75 10.29
CA LYS A 269 -1.39 9.86 9.60
C LYS A 269 -2.15 9.38 8.36
N ALA A 270 -1.47 8.61 7.51
CA ALA A 270 -2.07 8.09 6.29
C ALA A 270 -3.27 7.23 6.67
N TYR A 271 -3.11 6.42 7.72
CA TYR A 271 -4.21 5.59 8.16
C TYR A 271 -5.44 6.43 8.51
N GLU A 272 -5.25 7.45 9.36
CA GLU A 272 -6.34 8.31 9.81
C GLU A 272 -7.04 9.01 8.64
N ILE A 273 -6.25 9.57 7.73
CA ILE A 273 -6.82 10.27 6.59
C ILE A 273 -7.60 9.33 5.65
N GLU A 274 -6.99 8.20 5.28
CA GLU A 274 -7.63 7.29 4.35
C GLU A 274 -8.90 6.66 4.95
N LYS A 275 -8.87 6.41 6.26
CA LYS A 275 -10.03 5.92 6.99
C LYS A 275 -11.22 6.88 6.82
N ARG A 276 -10.96 8.17 6.97
CA ARG A 276 -11.99 9.20 6.83
C ARG A 276 -12.48 9.39 5.38
N LEU A 277 -11.56 9.29 4.43
CA LEU A 277 -11.88 9.63 3.05
C LEU A 277 -12.41 8.43 2.26
N SER A 278 -12.07 7.23 2.71
CA SER A 278 -12.40 6.03 1.94
C SER A 278 -13.90 5.88 1.69
N THR A 279 -14.26 5.41 0.51
CA THR A 279 -15.65 5.08 0.24
C THR A 279 -15.85 3.56 0.19
N ALA A 280 -14.83 2.82 0.60
CA ALA A 280 -14.93 1.36 0.64
C ALA A 280 -15.97 0.91 1.69
N ASP A 281 -16.70 -0.15 1.41
CA ASP A 281 -17.65 -0.70 2.40
C ASP A 281 -16.97 -1.51 3.51
N LEU A 282 -15.77 -1.99 3.24
CA LEU A 282 -15.01 -2.82 4.18
C LEU A 282 -13.64 -2.21 4.45
N PHE A 283 -13.10 -2.50 5.62
CA PHE A 283 -11.69 -2.26 5.90
C PHE A 283 -10.90 -3.40 5.28
N ARG A 284 -10.13 -3.09 4.24
CA ARG A 284 -9.28 -4.10 3.61
C ARG A 284 -8.12 -4.46 4.54
N PHE A 285 -7.80 -3.52 5.44
CA PHE A 285 -6.84 -3.79 6.52
C PHE A 285 -7.50 -3.66 7.90
N PRO A 286 -8.23 -4.70 8.34
CA PRO A 286 -8.90 -4.65 9.65
C PRO A 286 -7.89 -4.63 10.79
N ASN A 287 -8.26 -4.05 11.93
CA ASN A 287 -7.45 -4.18 13.14
C ASN A 287 -6.07 -3.54 12.99
N PHE A 288 -6.02 -2.44 12.25
CA PHE A 288 -4.82 -1.60 12.19
C PHE A 288 -4.33 -1.25 13.59
N GLU A 289 -5.24 -0.77 14.43
CA GLU A 289 -4.84 -0.34 15.77
C GLU A 289 -4.30 -1.49 16.60
N THR A 290 -4.93 -2.65 16.47
CA THR A 290 -4.47 -3.84 17.16
C THR A 290 -3.01 -4.12 16.90
N ILE A 291 -2.63 -4.18 15.62
CA ILE A 291 -1.24 -4.44 15.31
C ILE A 291 -0.33 -3.30 15.83
N CYS A 292 -0.80 -2.06 15.79
CA CYS A 292 -0.05 -0.96 16.42
C CYS A 292 0.28 -1.23 17.89
N TRP A 293 -0.71 -1.72 18.61
CA TRP A 293 -0.50 -2.00 20.02
C TRP A 293 0.60 -3.05 20.18
N TYR A 294 0.54 -4.11 19.38
CA TYR A 294 1.55 -5.16 19.48
C TYR A 294 2.93 -4.61 19.11
N VAL A 295 2.96 -3.70 18.14
CA VAL A 295 4.23 -3.16 17.70
C VAL A 295 4.79 -2.24 18.77
N GLY A 296 3.88 -1.56 19.46
CA GLY A 296 4.29 -0.71 20.57
C GLY A 296 5.09 -1.48 21.60
N LYS A 297 4.60 -2.67 21.95
CA LYS A 297 5.23 -3.47 22.99
C LYS A 297 6.59 -3.99 22.49
N HIS A 298 6.61 -4.39 21.24
CA HIS A 298 7.84 -4.87 20.63
C HIS A 298 8.90 -3.76 20.59
N ILE A 299 8.48 -2.53 20.33
CA ILE A 299 9.43 -1.43 20.28
C ILE A 299 9.93 -1.10 21.68
N LEU A 300 9.05 -1.17 22.65
CA LEU A 300 9.47 -1.03 24.04
C LEU A 300 10.55 -2.08 24.35
N ASP A 301 10.32 -3.34 23.94
CA ASP A 301 11.28 -4.40 24.18
C ASP A 301 12.62 -4.06 23.53
N ILE A 302 12.56 -3.54 22.31
CA ILE A 302 13.78 -3.12 21.64
C ILE A 302 14.53 -2.08 22.45
N PHE A 303 13.84 -1.03 22.87
CA PHE A 303 14.49 0.03 23.67
C PHE A 303 15.10 -0.52 24.96
N ARG A 304 14.36 -1.38 25.64
CA ARG A 304 14.87 -1.98 26.88
C ARG A 304 16.15 -2.75 26.62
N GLY A 305 16.14 -3.53 25.55
CA GLY A 305 17.28 -4.32 25.17
C GLY A 305 18.48 -3.43 24.90
N LEU A 306 18.27 -2.39 24.10
CA LEU A 306 19.37 -1.50 23.70
C LEU A 306 19.99 -0.85 24.92
N ARG A 307 19.14 -0.47 25.88
CA ARG A 307 19.63 0.17 27.08
C ARG A 307 20.34 -0.83 27.99
N GLU A 308 19.78 -2.02 28.13
CA GLU A 308 20.42 -3.08 28.90
C GLU A 308 21.84 -3.32 28.36
N ASN A 309 22.00 -3.18 27.05
CA ASN A 309 23.31 -3.39 26.43
C ASN A 309 24.09 -2.13 26.11
N ARG A 310 23.71 -1.02 26.73
CA ARG A 310 24.38 0.27 26.52
C ARG A 310 24.57 0.64 25.04
N ARG A 311 23.52 0.47 24.25
CA ARG A 311 23.53 0.87 22.84
C ARG A 311 22.39 1.85 22.53
N HIS A 312 22.47 2.52 21.39
CA HIS A 312 21.47 3.51 21.02
C HIS A 312 20.61 3.05 19.85
N PRO A 313 19.32 3.42 19.86
CA PRO A 313 18.42 3.13 18.74
C PRO A 313 18.67 4.10 17.60
N ALA A 314 18.30 3.69 16.38
CA ALA A 314 18.33 4.61 15.25
C ALA A 314 17.28 5.68 15.46
N SER A 315 17.57 6.87 14.95
CA SER A 315 16.71 8.02 15.12
C SER A 315 15.28 7.71 14.66
N TYR A 316 15.13 7.00 13.56
CA TYR A 316 13.80 6.79 13.00
C TYR A 316 12.93 5.99 13.97
N LEU A 317 13.56 5.07 14.69
CA LEU A 317 12.83 4.29 15.70
C LEU A 317 12.36 5.13 16.87
N VAL A 318 13.22 6.05 17.33
CA VAL A 318 12.83 6.96 18.41
C VAL A 318 11.60 7.78 18.00
N HIS A 319 11.64 8.35 16.80
CA HIS A 319 10.53 9.17 16.34
C HIS A 319 9.27 8.36 16.16
N GLY A 320 9.42 7.16 15.59
CA GLY A 320 8.27 6.28 15.39
C GLY A 320 7.63 5.85 16.70
N GLY A 321 8.47 5.48 17.66
CA GLY A 321 7.99 5.12 18.99
C GLY A 321 7.22 6.25 19.65
N LYS A 322 7.73 7.47 19.50
CA LYS A 322 7.02 8.66 20.01
C LYS A 322 5.66 8.89 19.37
N ALA A 323 5.58 8.80 18.05
CA ALA A 323 4.31 9.07 17.37
C ALA A 323 3.30 7.96 17.74
N LEU A 324 3.81 6.74 17.84
CA LEU A 324 2.98 5.62 18.26
C LEU A 324 2.42 5.92 19.65
N ASN A 325 3.28 6.40 20.55
CA ASN A 325 2.84 6.63 21.92
C ASN A 325 1.80 7.74 22.01
N LEU A 326 1.92 8.74 21.13
CA LEU A 326 0.92 9.79 21.03
C LEU A 326 -0.41 9.19 20.61
N ALA A 327 -0.38 8.31 19.61
CA ALA A 327 -1.58 7.62 19.20
C ALA A 327 -2.17 6.83 20.35
N PHE A 328 -1.34 6.05 21.04
CA PHE A 328 -1.81 5.26 22.18
C PHE A 328 -2.55 6.13 23.19
N ARG A 329 -1.99 7.29 23.54
CA ARG A 329 -2.69 8.18 24.48
C ARG A 329 -4.02 8.67 23.91
N ALA A 330 -4.01 9.10 22.65
CA ALA A 330 -5.24 9.59 22.01
C ALA A 330 -6.33 8.52 21.99
N TRP A 331 -5.95 7.28 21.67
CA TRP A 331 -6.94 6.20 21.57
C TRP A 331 -7.55 5.81 22.90
N THR A 332 -6.89 6.18 24.00
CA THR A 332 -7.31 5.73 25.31
C THR A 332 -7.73 6.86 26.24
N ARG A 333 -7.86 8.07 25.70
CA ARG A 333 -8.46 9.17 26.46
C ARG A 333 -9.88 8.77 26.86
N LYS A 334 -10.33 9.28 28.00
CA LYS A 334 -11.65 8.95 28.55
C LYS A 334 -12.78 9.00 27.51
N GLU A 335 -12.73 10.02 26.66
CA GLU A 335 -13.82 10.31 25.73
C GLU A 335 -13.64 9.63 24.37
N ALA A 336 -12.45 9.12 24.11
CA ALA A 336 -12.19 8.49 22.82
C ALA A 336 -12.22 6.98 22.97
N LEU A 337 -11.85 6.54 24.16
CA LEU A 337 -11.77 5.12 24.51
C LEU A 337 -12.93 4.26 23.97
N PRO A 338 -14.18 4.71 24.12
CA PRO A 338 -15.27 3.90 23.57
C PRO A 338 -15.08 3.50 22.09
N ASP A 339 -14.47 4.34 21.28
CA ASP A 339 -14.33 4.00 19.86
C ASP A 339 -13.04 3.24 19.49
N HIS A 340 -12.27 2.78 20.48
CA HIS A 340 -10.94 2.22 20.25
C HIS A 340 -10.67 0.98 21.11
N GLU A 341 -11.42 0.86 22.19
CA GLU A 341 -11.27 -0.21 23.15
C GLU A 341 -11.36 -1.58 22.50
N ASP A 342 -12.24 -1.69 21.52
CA ASP A 342 -12.47 -2.96 20.80
C ASP A 342 -11.23 -3.47 20.07
N GLU A 343 -10.28 -2.56 19.79
CA GLU A 343 -9.10 -2.89 19.00
C GLU A 343 -7.92 -3.25 19.89
N ILE A 344 -8.06 -2.97 21.19
CA ILE A 344 -6.96 -3.25 22.11
C ILE A 344 -6.91 -4.72 22.49
N PRO A 345 -5.76 -5.37 22.27
CA PRO A 345 -5.59 -6.79 22.64
C PRO A 345 -5.79 -6.97 24.14
N GLU A 346 -6.52 -8.01 24.55
CA GLU A 346 -6.79 -8.24 25.97
C GLU A 346 -5.53 -8.58 26.79
N THR A 347 -4.41 -8.83 26.11
CA THR A 347 -3.14 -9.03 26.80
C THR A 347 -2.38 -7.73 27.07
N VAL A 348 -2.87 -6.61 26.55
CA VAL A 348 -2.11 -5.37 26.68
C VAL A 348 -2.63 -4.47 27.79
N ARG A 349 -1.73 -4.09 28.69
CA ARG A 349 -2.01 -3.13 29.75
C ARG A 349 -1.58 -1.75 29.25
N THR A 350 -2.53 -1.02 28.68
CA THR A 350 -2.22 0.19 27.95
C THR A 350 -1.56 1.29 28.80
N VAL A 351 -2.08 1.50 30.00
CA VAL A 351 -1.57 2.57 30.86
C VAL A 351 -0.10 2.35 31.14
N GLN A 352 0.26 1.10 31.45
CA GLN A 352 1.65 0.79 31.73
C GLN A 352 2.52 0.79 30.47
N LEU A 353 2.00 0.28 29.37
CA LEU A 353 2.76 0.28 28.11
C LEU A 353 3.15 1.70 27.73
N ILE A 354 2.17 2.60 27.81
CA ILE A 354 2.36 4.03 27.51
C ILE A 354 3.37 4.68 28.44
N LYS A 355 3.21 4.45 29.74
CA LYS A 355 4.14 5.00 30.72
C LYS A 355 5.57 4.52 30.45
N ASP A 356 5.74 3.22 30.24
CA ASP A 356 7.07 2.65 30.03
C ASP A 356 7.70 3.12 28.73
N LEU A 357 6.90 3.19 27.67
CA LEU A 357 7.38 3.64 26.39
C LEU A 357 7.91 5.08 26.53
N ALA A 358 7.12 5.92 27.21
CA ALA A 358 7.47 7.32 27.44
C ALA A 358 8.79 7.43 28.19
N ARG A 359 8.93 6.61 29.21
CA ARG A 359 10.15 6.60 30.01
C ARG A 359 11.36 6.24 29.15
N GLU A 360 11.31 5.10 28.45
CA GLU A 360 12.42 4.68 27.58
C GLU A 360 12.77 5.73 26.52
N ILE A 361 11.74 6.36 25.97
CA ILE A 361 11.97 7.41 24.98
C ILE A 361 12.66 8.66 25.58
N ARG A 362 12.29 9.03 26.80
CA ARG A 362 12.95 10.15 27.46
C ARG A 362 14.44 9.86 27.72
N LEU A 363 14.76 8.61 28.05
CA LEU A 363 16.13 8.18 28.29
C LEU A 363 16.94 7.99 27.01
N VAL A 364 16.42 8.44 25.89
CA VAL A 364 17.12 8.27 24.63
C VAL A 364 17.17 9.56 23.79
N GLU A 365 16.43 10.57 24.20
CA GLU A 365 16.58 11.92 23.63
C GLU A 365 17.81 12.63 24.24
N ASP A 366 18.69 13.14 23.37
CA ASP A 366 19.96 13.74 23.79
C ASP A 366 20.62 12.99 24.94
S SO4 B . 16.67 -13.69 -6.65
O1 SO4 B . 17.41 -13.16 -7.80
O2 SO4 B . 17.22 -14.97 -6.21
O3 SO4 B . 16.77 -12.76 -5.52
O4 SO4 B . 15.28 -13.86 -7.05
S SO4 C . 9.27 13.93 18.12
O1 SO4 C . 10.03 14.59 17.07
O2 SO4 C . 9.62 12.52 18.17
O3 SO4 C . 9.58 14.55 19.41
O4 SO4 C . 7.84 14.07 17.85
S SO4 D . -9.30 -25.14 -15.66
O1 SO4 D . -8.14 -25.06 -16.53
O2 SO4 D . -10.36 -25.89 -16.35
O3 SO4 D . -8.95 -25.83 -14.43
O4 SO4 D . -9.78 -23.79 -15.38
S SO4 E . 5.53 18.19 5.41
O1 SO4 E . 5.95 18.88 4.17
O2 SO4 E . 5.36 16.77 5.15
O3 SO4 E . 6.58 18.38 6.41
O4 SO4 E . 4.27 18.75 5.89
S SO4 F . 1.76 18.30 -19.02
O1 SO4 F . 3.05 18.95 -19.20
O2 SO4 F . 1.49 17.46 -20.18
O3 SO4 F . 1.80 17.48 -17.81
O4 SO4 F . 0.70 19.29 -18.89
S SO4 G . -1.53 -28.17 -13.33
O1 SO4 G . -1.68 -26.97 -14.15
O2 SO4 G . -2.84 -28.65 -12.93
O3 SO4 G . -0.85 -29.20 -14.10
O4 SO4 G . -0.74 -27.85 -12.13
S SO4 H . -2.90 -12.70 -22.00
O1 SO4 H . -1.57 -12.82 -22.55
O2 SO4 H . -3.75 -13.81 -22.49
O3 SO4 H . -2.84 -12.77 -20.55
O4 SO4 H . -3.47 -11.45 -22.48
C ACT I . 14.04 -15.81 0.90
O ACT I . 13.30 -16.81 1.00
OXT ACT I . 13.87 -15.09 -0.12
CH3 ACT I . 15.09 -15.50 1.93
C ACT J . -16.53 -2.71 -1.72
O ACT J . -16.06 -2.88 -0.57
OXT ACT J . -16.61 -1.52 -2.11
CH3 ACT J . -16.96 -3.86 -2.58
C ACT K . 10.38 0.80 32.13
O ACT K . 10.27 -0.34 31.66
OXT ACT K . 10.94 1.64 31.39
CH3 ACT K . 9.87 1.16 33.49
C ACT L . -8.49 16.62 -17.47
O ACT L . -7.59 15.75 -17.56
OXT ACT L . -8.52 17.48 -18.38
CH3 ACT L . -9.46 16.64 -16.32
C ACT M . 14.65 -7.32 22.26
O ACT M . 14.88 -7.58 23.46
OXT ACT M . 15.56 -6.70 21.67
CH3 ACT M . 13.39 -7.71 21.56
NI NI N . -2.97 1.69 -5.15
C2 BGC O . -12.40 8.83 -2.97
C3 BGC O . -12.39 7.46 -2.29
C4 BGC O . -10.96 6.96 -2.02
C5 BGC O . -10.11 8.01 -1.28
C6 BGC O . -8.60 7.79 -1.49
C1 BGC O . -11.03 9.49 -2.94
O1 BGC O . -10.21 8.98 -3.97
O2 BGC O . -13.34 9.69 -2.33
O3 BGC O . -13.05 6.52 -3.10
O4 BGC O . -11.04 5.75 -1.30
O5 BGC O . -10.43 9.33 -1.65
O6 BGC O . -8.00 7.20 -0.36
C2 BGC P . -8.33 -10.13 -27.56
C3 BGC P . -7.05 -10.15 -28.38
C4 BGC P . -6.06 -9.09 -27.91
C5 BGC P . -6.19 -8.78 -26.41
C6 BGC P . -7.04 -7.54 -26.11
C1 BGC P . -8.03 -10.28 -26.06
O1 BGC P . -8.92 -9.49 -25.31
O2 BGC P . -9.16 -11.18 -27.97
O3 BGC P . -7.37 -9.93 -29.74
O4 BGC P . -4.76 -9.57 -28.18
O5 BGC P . -6.69 -9.92 -25.74
O6 BGC P . -7.36 -7.47 -24.74
#